data_2GQF
#
_entry.id   2GQF
#
_cell.length_a   160.730
_cell.length_b   160.730
_cell.length_c   100.790
_cell.angle_alpha   90.00
_cell.angle_beta   90.00
_cell.angle_gamma   120.00
#
_symmetry.space_group_name_H-M   'P 62 2 2'
#
loop_
_entity.id
_entity.type
_entity.pdbx_description
1 polymer 'Hypothetical protein HI0933'
2 non-polymer 'SULFATE ION'
3 non-polymer 'FLAVIN-ADENINE DINUCLEOTIDE'
4 water water
#
_entity_poly.entity_id   1
_entity_poly.type   'polypeptide(L)'
_entity_poly.pdbx_seq_one_letter_code
;(MSE)SQYSENIIIGAGAAGLFCAAQLAKLGKSVTVFDNGKKIGRKIL(MSE)SGGGFCNFTNLEVTPAHYLSQNPHFVK
SALARYTNWDFISLVAEQGITYHEKELGQLFCDEGAEQIVE(MSE)LKSECDKYGAKILLRSEVSQVERIQNDEKVRFVL
QVNSTQWQCKNLIVATGGLS(MSE)PGLGATPFGYQIAEQFGIPVIPPRASLVPFTYRETDKFLTALSGISLPVTITALC
GKSFYNQLLFTHRGISGPAVLQISNYWQPTESVEIDLLPNHNVEEEINQAKQSSPKQ(MSE)LKTILVRLLPKKLVELWI
EQGIVQDEVIANISKVRVKNLVDFIHHWEFTPNGTEGYRTAEVT(MSE)GGVDTKVISSKT(MSE)ESNQVSGLYFIGEV
LDVTGWLGGYNFQWAWSSAYACALSISRQ
;
_entity_poly.pdbx_strand_id   A
#
# COMPACT_ATOMS: atom_id res chain seq x y z
N SER A 2 29.79 -15.63 19.00
CA SER A 2 29.94 -14.34 18.31
C SER A 2 30.10 -14.56 16.82
N GLN A 3 28.96 -14.73 16.14
CA GLN A 3 28.92 -14.98 14.71
C GLN A 3 29.25 -13.76 13.84
N TYR A 4 29.55 -14.02 12.57
CA TYR A 4 29.85 -12.96 11.61
C TYR A 4 29.27 -13.32 10.25
N SER A 5 28.85 -12.28 9.52
CA SER A 5 28.25 -12.44 8.20
C SER A 5 28.50 -11.11 7.48
N GLU A 6 29.26 -11.14 6.39
CA GLU A 6 29.56 -9.90 5.68
C GLU A 6 28.33 -9.04 5.53
N ASN A 7 27.19 -9.68 5.26
CA ASN A 7 25.93 -8.98 5.06
C ASN A 7 24.82 -9.55 5.93
N ILE A 8 24.15 -8.68 6.66
CA ILE A 8 23.04 -9.10 7.50
C ILE A 8 21.82 -8.32 7.04
N ILE A 9 20.67 -8.98 7.03
CA ILE A 9 19.40 -8.37 6.63
C ILE A 9 18.40 -8.54 7.77
N ILE A 10 17.76 -7.44 8.17
CA ILE A 10 16.76 -7.52 9.23
C ILE A 10 15.36 -7.50 8.62
N GLY A 11 14.70 -8.64 8.63
CA GLY A 11 13.36 -8.73 8.07
C GLY A 11 13.31 -9.67 6.88
N ALA A 12 12.53 -10.75 7.03
CA ALA A 12 12.39 -11.73 5.96
C ALA A 12 11.07 -11.55 5.21
N GLY A 13 10.85 -10.34 4.71
CA GLY A 13 9.63 -10.06 3.97
C GLY A 13 9.92 -9.95 2.48
N ALA A 14 9.07 -9.24 1.76
CA ALA A 14 9.27 -9.07 0.32
C ALA A 14 10.64 -8.50 -0.04
N ALA A 15 10.96 -7.33 0.51
CA ALA A 15 12.24 -6.68 0.25
C ALA A 15 13.42 -7.46 0.81
N GLY A 16 13.28 -7.95 2.04
CA GLY A 16 14.34 -8.70 2.68
C GLY A 16 14.71 -9.97 1.92
N LEU A 17 13.71 -10.78 1.61
CA LEU A 17 13.92 -12.04 0.89
C LEU A 17 14.54 -11.83 -0.48
N PHE A 18 13.97 -10.92 -1.26
CA PHE A 18 14.48 -10.65 -2.59
C PHE A 18 15.92 -10.16 -2.55
N CYS A 19 16.22 -9.24 -1.64
CA CYS A 19 17.58 -8.72 -1.52
C CYS A 19 18.56 -9.83 -1.15
N ALA A 20 18.16 -10.67 -0.19
CA ALA A 20 19.00 -11.78 0.26
C ALA A 20 19.30 -12.71 -0.92
N ALA A 21 18.30 -12.93 -1.77
CA ALA A 21 18.47 -13.79 -2.93
C ALA A 21 19.44 -13.16 -3.91
N GLN A 22 19.23 -11.89 -4.25
CA GLN A 22 20.11 -11.20 -5.18
C GLN A 22 21.56 -11.22 -4.74
N LEU A 23 21.81 -11.05 -3.44
CA LEU A 23 23.15 -11.05 -2.90
C LEU A 23 23.83 -12.41 -3.04
N ALA A 24 23.11 -13.47 -2.64
CA ALA A 24 23.66 -14.82 -2.74
C ALA A 24 23.93 -15.12 -4.22
N LYS A 25 23.01 -14.72 -5.09
CA LYS A 25 23.12 -14.92 -6.53
C LYS A 25 24.28 -14.15 -7.15
N LEU A 26 24.63 -13.01 -6.57
CA LEU A 26 25.74 -12.22 -7.08
C LEU A 26 27.02 -12.67 -6.41
N GLY A 27 26.91 -13.72 -5.59
CA GLY A 27 28.07 -14.27 -4.90
C GLY A 27 28.52 -13.60 -3.61
N LYS A 28 27.58 -13.17 -2.77
CA LYS A 28 27.92 -12.52 -1.51
C LYS A 28 27.30 -13.27 -0.34
N SER A 29 27.99 -13.32 0.79
CA SER A 29 27.48 -14.01 1.96
C SER A 29 26.44 -13.15 2.68
N VAL A 30 25.27 -13.70 2.93
CA VAL A 30 24.25 -12.94 3.62
C VAL A 30 23.35 -13.79 4.50
N THR A 31 23.06 -13.27 5.69
CA THR A 31 22.19 -13.94 6.65
C THR A 31 20.98 -13.06 6.91
N VAL A 32 19.79 -13.66 6.96
CA VAL A 32 18.58 -12.90 7.19
C VAL A 32 17.94 -13.29 8.53
N PHE A 33 17.62 -12.28 9.35
CA PHE A 33 16.98 -12.52 10.64
C PHE A 33 15.52 -12.07 10.60
N ASP A 34 14.65 -12.79 11.27
CA ASP A 34 13.26 -12.39 11.28
C ASP A 34 12.58 -12.79 12.57
N ASN A 35 11.91 -11.84 13.21
CA ASN A 35 11.23 -12.08 14.47
C ASN A 35 10.03 -13.02 14.32
N GLY A 36 9.63 -13.28 13.08
CA GLY A 36 8.48 -14.15 12.85
C GLY A 36 8.80 -15.64 12.79
N LYS A 37 7.75 -16.44 12.67
CA LYS A 37 7.89 -17.90 12.61
C LYS A 37 7.95 -18.45 11.19
N LYS A 38 7.47 -17.68 10.22
CA LYS A 38 7.49 -18.08 8.81
C LYS A 38 7.92 -16.88 7.99
N ILE A 39 8.55 -17.13 6.84
CA ILE A 39 9.00 -16.04 6.00
C ILE A 39 7.85 -15.45 5.18
N GLY A 40 8.05 -14.21 4.71
CA GLY A 40 7.04 -13.54 3.90
C GLY A 40 5.60 -13.69 4.35
N ARG A 41 5.33 -13.31 5.59
CA ARG A 41 3.99 -13.41 6.14
C ARG A 41 2.96 -12.53 5.46
N LYS A 42 3.37 -11.34 5.02
CA LYS A 42 2.45 -10.42 4.36
C LYS A 42 2.26 -10.79 2.89
N ILE A 43 3.30 -11.37 2.30
CA ILE A 43 3.23 -11.80 0.91
C ILE A 43 2.12 -12.84 0.80
N LEU A 44 2.06 -13.72 1.81
CA LEU A 44 1.06 -14.78 1.87
C LEU A 44 -0.36 -14.21 1.99
N SER A 46 -1.21 -10.97 0.89
CA SER A 46 -1.48 -10.06 -0.22
C SER A 46 -2.40 -10.59 -1.31
N GLY A 47 -2.99 -9.66 -2.05
CA GLY A 47 -3.87 -10.03 -3.15
C GLY A 47 -4.96 -11.02 -2.81
N GLY A 48 -5.47 -10.94 -1.59
CA GLY A 48 -6.52 -11.85 -1.16
C GLY A 48 -6.12 -13.30 -1.13
N GLY A 49 -4.82 -13.57 -1.05
CA GLY A 49 -4.35 -14.93 -1.00
C GLY A 49 -3.66 -15.36 -2.29
N PHE A 50 -3.67 -14.49 -3.30
CA PHE A 50 -3.04 -14.83 -4.58
C PHE A 50 -1.84 -13.95 -4.93
N CYS A 51 -1.68 -12.87 -4.16
CA CYS A 51 -0.55 -11.93 -4.31
C CYS A 51 -0.46 -11.09 -5.57
N ASN A 52 -0.87 -9.83 -5.45
CA ASN A 52 -0.80 -8.86 -6.55
C ASN A 52 0.66 -8.38 -6.54
N PHE A 53 1.55 -9.16 -7.15
CA PHE A 53 2.99 -8.88 -7.15
C PHE A 53 3.58 -7.68 -7.92
N THR A 54 2.80 -7.06 -8.78
CA THR A 54 3.27 -5.89 -9.51
C THR A 54 2.13 -5.34 -10.37
N ASN A 55 2.42 -4.32 -11.16
CA ASN A 55 1.40 -3.73 -12.01
C ASN A 55 2.03 -3.38 -13.34
N LEU A 56 1.26 -3.56 -14.42
CA LEU A 56 1.77 -3.28 -15.75
C LEU A 56 2.15 -1.82 -16.00
N GLU A 57 1.49 -0.89 -15.32
CA GLU A 57 1.84 0.51 -15.53
C GLU A 57 2.45 1.10 -14.26
N VAL A 58 3.77 1.03 -14.17
CA VAL A 58 4.51 1.53 -13.02
C VAL A 58 5.34 2.75 -13.39
N THR A 59 5.17 3.83 -12.64
CA THR A 59 5.91 5.06 -12.86
C THR A 59 6.09 5.69 -11.49
N PRO A 60 7.03 6.62 -11.35
CA PRO A 60 7.25 7.26 -10.05
C PRO A 60 6.01 7.97 -9.48
N ALA A 61 5.10 8.35 -10.37
CA ALA A 61 3.88 9.05 -9.96
C ALA A 61 2.90 8.15 -9.22
N HIS A 62 3.14 6.84 -9.27
CA HIS A 62 2.26 5.89 -8.57
C HIS A 62 2.76 5.71 -7.14
N TYR A 63 3.68 6.58 -6.73
CA TYR A 63 4.23 6.52 -5.37
C TYR A 63 4.14 7.85 -4.62
N LEU A 64 3.85 7.78 -3.33
CA LEU A 64 3.75 8.96 -2.47
C LEU A 64 5.04 9.09 -1.68
N SER A 65 5.57 10.31 -1.61
CA SER A 65 6.80 10.57 -0.88
C SER A 65 7.02 12.05 -0.68
N GLN A 66 7.75 12.43 0.38
CA GLN A 66 8.05 13.82 0.64
C GLN A 66 9.06 14.23 -0.42
N ASN A 67 9.77 13.21 -0.92
CA ASN A 67 10.81 13.38 -1.94
C ASN A 67 10.38 12.70 -3.25
N PRO A 68 9.83 13.49 -4.19
CA PRO A 68 9.35 13.02 -5.50
C PRO A 68 10.41 12.45 -6.46
N HIS A 69 11.63 12.97 -6.36
CA HIS A 69 12.70 12.55 -7.25
C HIS A 69 13.37 11.21 -6.85
N PHE A 70 13.06 10.71 -5.67
CA PHE A 70 13.68 9.48 -5.17
C PHE A 70 13.47 8.16 -5.91
N VAL A 71 12.23 7.68 -5.93
CA VAL A 71 11.84 6.40 -6.52
C VAL A 71 12.27 6.03 -7.96
N LYS A 72 12.34 7.03 -8.85
CA LYS A 72 12.70 6.85 -10.25
C LYS A 72 13.89 5.95 -10.58
N SER A 73 15.03 6.17 -9.91
CA SER A 73 16.22 5.40 -10.18
C SER A 73 16.05 3.89 -10.03
N ALA A 74 15.76 3.44 -8.81
CA ALA A 74 15.58 2.02 -8.53
C ALA A 74 14.49 1.34 -9.37
N LEU A 75 13.43 2.08 -9.70
CA LEU A 75 12.34 1.53 -10.50
C LEU A 75 12.76 1.32 -11.95
N ALA A 76 13.67 2.15 -12.45
CA ALA A 76 14.13 2.03 -13.82
C ALA A 76 15.23 0.99 -13.93
N ARG A 77 15.95 0.79 -12.84
CA ARG A 77 17.03 -0.19 -12.81
C ARG A 77 16.47 -1.61 -12.81
N TYR A 78 15.49 -1.87 -11.96
CA TYR A 78 14.84 -3.18 -11.90
C TYR A 78 13.35 -2.89 -12.11
N THR A 79 12.89 -3.13 -13.32
CA THR A 79 11.51 -2.84 -13.68
C THR A 79 10.46 -3.91 -13.37
N ASN A 80 9.21 -3.52 -13.57
CA ASN A 80 8.08 -4.41 -13.36
C ASN A 80 8.21 -5.57 -14.33
N TRP A 81 8.77 -5.31 -15.51
CA TRP A 81 8.96 -6.36 -16.50
C TRP A 81 10.13 -7.27 -16.19
N ASP A 82 11.12 -6.76 -15.45
CA ASP A 82 12.24 -7.60 -15.09
C ASP A 82 11.74 -8.65 -14.12
N PHE A 83 10.78 -8.27 -13.29
CA PHE A 83 10.20 -9.17 -12.33
C PHE A 83 9.14 -10.06 -12.97
N ILE A 84 8.32 -9.49 -13.84
CA ILE A 84 7.29 -10.25 -14.53
C ILE A 84 7.99 -11.36 -15.29
N SER A 85 9.16 -11.02 -15.83
CA SER A 85 9.97 -11.96 -16.58
C SER A 85 10.58 -13.03 -15.68
N LEU A 86 11.03 -12.64 -14.49
CA LEU A 86 11.61 -13.59 -13.54
C LEU A 86 10.54 -14.59 -13.10
N VAL A 87 9.32 -14.09 -12.92
CA VAL A 87 8.20 -14.91 -12.52
C VAL A 87 7.82 -15.97 -13.55
N ALA A 88 7.65 -15.53 -14.80
CA ALA A 88 7.27 -16.43 -15.89
C ALA A 88 8.36 -17.46 -16.16
N GLU A 89 9.60 -16.99 -16.19
CA GLU A 89 10.73 -17.86 -16.44
C GLU A 89 10.87 -18.84 -15.28
N GLN A 90 10.36 -18.45 -14.12
CA GLN A 90 10.44 -19.28 -12.92
C GLN A 90 9.31 -20.30 -12.89
N GLY A 91 8.49 -20.32 -13.94
CA GLY A 91 7.40 -21.27 -14.01
C GLY A 91 6.15 -20.93 -13.23
N ILE A 92 5.91 -19.65 -12.99
CA ILE A 92 4.73 -19.22 -12.26
C ILE A 92 3.71 -18.63 -13.22
N THR A 93 2.46 -19.01 -13.06
CA THR A 93 1.40 -18.51 -13.93
C THR A 93 0.68 -17.36 -13.25
N TYR A 94 0.36 -16.33 -14.03
CA TYR A 94 -0.33 -15.17 -13.50
C TYR A 94 -1.30 -14.58 -14.51
N HIS A 95 -2.18 -13.72 -14.05
CA HIS A 95 -3.15 -13.07 -14.91
C HIS A 95 -3.37 -11.65 -14.44
N GLU A 96 -4.02 -10.86 -15.28
CA GLU A 96 -4.32 -9.49 -14.97
C GLU A 96 -5.74 -9.43 -14.43
N LYS A 97 -5.92 -8.90 -13.22
CA LYS A 97 -7.25 -8.79 -12.65
C LYS A 97 -7.95 -7.57 -13.20
N GLU A 98 -7.35 -6.40 -13.00
CA GLU A 98 -7.92 -5.14 -13.49
C GLU A 98 -6.91 -4.03 -13.23
N LEU A 99 -7.01 -2.94 -13.98
CA LEU A 99 -6.11 -1.82 -13.80
C LEU A 99 -4.62 -2.19 -13.76
N GLY A 100 -4.22 -3.11 -14.64
CA GLY A 100 -2.83 -3.52 -14.72
C GLY A 100 -2.36 -4.43 -13.61
N GLN A 101 -3.23 -4.68 -12.63
CA GLN A 101 -2.89 -5.53 -11.51
C GLN A 101 -2.62 -7.00 -11.92
N LEU A 102 -1.49 -7.55 -11.49
CA LEU A 102 -1.14 -8.93 -11.80
C LEU A 102 -1.18 -9.78 -10.55
N PHE A 103 -1.84 -10.94 -10.63
CA PHE A 103 -1.95 -11.86 -9.49
C PHE A 103 -1.44 -13.24 -9.90
N CYS A 104 -1.20 -14.08 -8.91
CA CYS A 104 -0.75 -15.45 -9.17
C CYS A 104 -1.98 -16.32 -9.33
N ASP A 105 -1.92 -17.30 -10.22
CA ASP A 105 -3.05 -18.18 -10.41
C ASP A 105 -3.12 -19.19 -9.27
N GLU A 106 -1.95 -19.64 -8.81
CA GLU A 106 -1.89 -20.64 -7.75
C GLU A 106 -1.62 -20.11 -6.34
N GLY A 107 -2.00 -18.86 -6.08
CA GLY A 107 -1.81 -18.29 -4.76
C GLY A 107 -0.49 -17.61 -4.44
N ALA A 108 -0.50 -16.82 -3.37
CA ALA A 108 0.67 -16.08 -2.92
C ALA A 108 1.81 -17.02 -2.55
N GLU A 109 1.48 -18.28 -2.27
CA GLU A 109 2.49 -19.28 -1.91
C GLU A 109 3.57 -19.39 -2.99
N GLN A 110 3.21 -19.09 -4.23
CA GLN A 110 4.16 -19.17 -5.35
C GLN A 110 5.32 -18.19 -5.19
N ILE A 111 4.98 -16.94 -4.91
CA ILE A 111 5.99 -15.91 -4.74
C ILE A 111 6.91 -16.28 -3.58
N VAL A 112 6.34 -16.55 -2.41
CA VAL A 112 7.15 -16.91 -1.26
C VAL A 112 7.99 -18.14 -1.52
N GLU A 113 7.44 -19.08 -2.26
CA GLU A 113 8.15 -20.31 -2.58
C GLU A 113 9.33 -20.05 -3.51
N LEU A 115 10.97 -17.17 -3.83
CA LEU A 115 11.98 -16.40 -3.11
C LEU A 115 12.81 -17.33 -2.24
N LYS A 116 12.14 -18.15 -1.43
CA LYS A 116 12.84 -19.08 -0.54
C LYS A 116 13.68 -20.08 -1.33
N SER A 117 13.26 -20.35 -2.56
CA SER A 117 13.96 -21.29 -3.44
C SER A 117 15.25 -20.70 -4.00
N GLU A 118 15.21 -19.41 -4.38
CA GLU A 118 16.40 -18.74 -4.90
C GLU A 118 17.45 -18.63 -3.80
N CYS A 119 16.99 -18.29 -2.60
CA CYS A 119 17.89 -18.15 -1.45
C CYS A 119 18.58 -19.46 -1.13
N ASP A 120 17.84 -20.57 -1.19
CA ASP A 120 18.42 -21.88 -0.91
C ASP A 120 19.39 -22.22 -2.04
N LYS A 121 18.98 -21.93 -3.26
CA LYS A 121 19.79 -22.21 -4.42
C LYS A 121 21.15 -21.50 -4.41
N TYR A 122 21.22 -20.27 -3.93
CA TYR A 122 22.50 -19.57 -3.93
C TYR A 122 23.26 -19.42 -2.61
N GLY A 123 22.70 -19.92 -1.51
CA GLY A 123 23.43 -19.85 -0.26
C GLY A 123 22.99 -18.89 0.83
N ALA A 124 21.94 -18.10 0.60
CA ALA A 124 21.46 -17.17 1.63
C ALA A 124 20.93 -17.97 2.81
N LYS A 125 21.28 -17.56 4.03
CA LYS A 125 20.80 -18.28 5.20
C LYS A 125 19.72 -17.48 5.90
N ILE A 126 18.60 -18.13 6.19
CA ILE A 126 17.48 -17.47 6.84
C ILE A 126 17.19 -18.03 8.24
N LEU A 127 17.26 -17.17 9.24
CA LEU A 127 17.03 -17.56 10.62
C LEU A 127 15.77 -16.92 11.19
N LEU A 128 14.74 -17.74 11.38
CA LEU A 128 13.47 -17.26 11.92
C LEU A 128 13.49 -17.22 13.44
N ARG A 129 12.39 -16.80 14.05
CA ARG A 129 12.29 -16.71 15.50
C ARG A 129 13.52 -15.99 16.06
N SER A 130 14.00 -14.98 15.35
CA SER A 130 15.17 -14.22 15.74
C SER A 130 14.89 -12.72 15.73
N GLU A 131 14.45 -12.16 16.84
CA GLU A 131 14.19 -10.72 16.84
C GLU A 131 15.46 -9.92 17.09
N VAL A 132 15.75 -9.00 16.18
CA VAL A 132 16.95 -8.17 16.30
C VAL A 132 16.78 -7.05 17.32
N SER A 133 17.90 -6.67 17.94
CA SER A 133 17.92 -5.60 18.94
C SER A 133 19.37 -5.17 19.18
N GLN A 134 19.55 -4.10 19.95
CA GLN A 134 20.87 -3.58 20.26
C GLN A 134 21.85 -3.40 19.10
N VAL A 135 21.47 -2.64 18.08
CA VAL A 135 22.37 -2.40 16.96
C VAL A 135 23.38 -1.33 17.39
N GLU A 136 24.66 -1.61 17.17
CA GLU A 136 25.72 -0.67 17.53
C GLU A 136 26.58 -0.45 16.32
N ARG A 137 27.20 0.72 16.24
CA ARG A 137 28.05 1.06 15.11
C ARG A 137 29.50 0.87 15.57
N ILE A 138 30.30 0.20 14.74
CA ILE A 138 31.71 -0.04 15.03
C ILE A 138 32.51 0.87 14.10
N GLN A 139 33.53 1.53 14.63
CA GLN A 139 34.31 2.48 13.84
C GLN A 139 35.69 2.14 13.27
N ASN A 140 36.53 1.46 14.05
CA ASN A 140 37.87 1.15 13.56
C ASN A 140 37.97 -0.08 12.65
N ASP A 141 37.31 -1.16 13.04
CA ASP A 141 37.33 -2.42 12.30
C ASP A 141 36.89 -2.32 10.83
N GLU A 142 37.82 -2.53 9.90
CA GLU A 142 37.52 -2.43 8.47
C GLU A 142 36.59 -3.53 7.94
N LYS A 143 36.49 -4.62 8.69
CA LYS A 143 35.64 -5.75 8.31
C LYS A 143 34.31 -5.73 9.06
N VAL A 144 34.29 -5.10 10.23
CA VAL A 144 33.09 -5.02 11.05
C VAL A 144 32.63 -3.59 11.28
N ARG A 145 31.53 -3.21 10.64
CA ARG A 145 30.99 -1.87 10.79
C ARG A 145 29.75 -1.86 11.68
N PHE A 146 29.16 -3.03 11.92
CA PHE A 146 27.98 -3.12 12.78
C PHE A 146 27.95 -4.35 13.68
N VAL A 147 27.37 -4.19 14.86
CA VAL A 147 27.22 -5.27 15.82
C VAL A 147 25.76 -5.22 16.25
N LEU A 148 25.19 -6.37 16.55
CA LEU A 148 23.80 -6.42 16.96
C LEU A 148 23.48 -7.68 17.77
N GLN A 149 22.39 -7.63 18.51
CA GLN A 149 22.00 -8.76 19.33
C GLN A 149 20.80 -9.50 18.76
N VAL A 150 21.01 -10.76 18.38
CA VAL A 150 19.92 -11.59 17.89
C VAL A 150 19.79 -12.68 18.92
N ASN A 151 18.76 -12.61 19.73
CA ASN A 151 18.54 -13.57 20.80
C ASN A 151 19.67 -13.41 21.82
N SER A 152 20.44 -14.47 22.03
CA SER A 152 21.54 -14.42 22.98
C SER A 152 22.91 -14.39 22.30
N THR A 153 22.90 -14.35 20.97
CA THR A 153 24.13 -14.32 20.20
C THR A 153 24.39 -12.92 19.63
N GLN A 154 25.66 -12.53 19.60
CA GLN A 154 26.00 -11.24 19.05
C GLN A 154 26.53 -11.44 17.65
N TRP A 155 25.96 -10.71 16.70
CA TRP A 155 26.37 -10.81 15.33
C TRP A 155 27.14 -9.58 14.90
N GLN A 156 28.00 -9.76 13.90
CA GLN A 156 28.82 -8.65 13.41
C GLN A 156 28.76 -8.69 11.89
N CYS A 157 28.83 -7.53 11.24
CA CYS A 157 28.76 -7.51 9.79
C CYS A 157 29.37 -6.26 9.19
N LYS A 158 29.53 -6.27 7.87
CA LYS A 158 30.10 -5.14 7.16
C LYS A 158 28.96 -4.25 6.65
N ASN A 159 27.88 -4.88 6.21
CA ASN A 159 26.72 -4.15 5.70
C ASN A 159 25.47 -4.61 6.42
N LEU A 160 24.66 -3.65 6.87
CA LEU A 160 23.43 -4.00 7.56
C LEU A 160 22.27 -3.44 6.74
N ILE A 161 21.48 -4.34 6.16
CA ILE A 161 20.33 -3.93 5.36
C ILE A 161 19.05 -4.00 6.20
N VAL A 162 18.41 -2.87 6.40
CA VAL A 162 17.18 -2.81 7.18
C VAL A 162 15.96 -2.98 6.27
N ALA A 163 15.28 -4.12 6.39
CA ALA A 163 14.08 -4.41 5.60
C ALA A 163 12.98 -4.90 6.54
N THR A 164 12.72 -4.11 7.58
CA THR A 164 11.75 -4.45 8.62
C THR A 164 10.30 -4.05 8.35
N GLY A 165 10.05 -3.39 7.23
CA GLY A 165 8.70 -3.00 6.90
C GLY A 165 8.06 -1.88 7.73
N GLY A 166 6.75 -1.76 7.61
CA GLY A 166 6.02 -0.72 8.31
C GLY A 166 5.28 -1.19 9.56
N LEU A 167 4.24 -0.44 9.93
CA LEU A 167 3.46 -0.74 11.12
C LEU A 167 2.15 -1.55 10.97
N SER A 168 1.61 -1.66 9.76
CA SER A 168 0.36 -2.40 9.61
C SER A 168 0.53 -3.87 9.97
N PRO A 170 0.25 -5.55 13.25
CA PRO A 170 1.12 -5.82 14.39
C PRO A 170 1.01 -7.27 14.87
N GLY A 171 -0.16 -7.87 14.67
CA GLY A 171 -0.35 -9.24 15.06
C GLY A 171 0.40 -10.20 14.14
N LEU A 172 0.94 -9.65 13.06
CA LEU A 172 1.68 -10.45 12.10
C LEU A 172 3.18 -10.29 12.30
N GLY A 173 3.56 -9.46 13.30
CA GLY A 173 4.97 -9.25 13.59
C GLY A 173 5.53 -7.87 13.26
N ALA A 174 4.72 -7.03 12.61
CA ALA A 174 5.14 -5.68 12.24
C ALA A 174 5.79 -4.95 13.41
N THR A 175 6.91 -4.29 13.13
CA THR A 175 7.67 -3.57 14.16
C THR A 175 8.21 -2.24 13.67
N PRO A 176 8.41 -1.27 14.58
CA PRO A 176 8.93 0.05 14.25
C PRO A 176 10.46 0.02 14.29
N PHE A 177 11.01 -1.18 14.49
CA PHE A 177 12.45 -1.35 14.59
C PHE A 177 13.26 -0.60 13.54
N GLY A 178 12.73 -0.52 12.32
CA GLY A 178 13.42 0.20 11.27
C GLY A 178 13.57 1.67 11.62
N TYR A 179 12.52 2.26 12.18
CA TYR A 179 12.56 3.66 12.56
C TYR A 179 13.45 3.88 13.78
N GLN A 180 13.43 2.92 14.70
CA GLN A 180 14.23 3.00 15.93
C GLN A 180 15.72 3.01 15.61
N ILE A 181 16.12 2.19 14.64
CA ILE A 181 17.52 2.14 14.23
C ILE A 181 17.89 3.46 13.60
N ALA A 182 17.01 3.99 12.75
CA ALA A 182 17.23 5.26 12.08
C ALA A 182 17.38 6.38 13.10
N GLU A 183 16.44 6.48 14.03
CA GLU A 183 16.45 7.51 15.06
C GLU A 183 17.69 7.43 15.96
N GLN A 184 18.17 6.21 16.21
CA GLN A 184 19.35 6.02 17.04
C GLN A 184 20.59 6.65 16.41
N PHE A 185 20.68 6.59 15.08
CA PHE A 185 21.82 7.15 14.35
C PHE A 185 21.53 8.54 13.81
N GLY A 186 20.50 9.19 14.36
CA GLY A 186 20.14 10.53 13.92
C GLY A 186 19.67 10.64 12.49
N ILE A 187 19.12 9.55 11.95
CA ILE A 187 18.60 9.52 10.58
C ILE A 187 17.14 9.96 10.69
N PRO A 188 16.76 11.03 10.00
CA PRO A 188 15.38 11.54 10.05
C PRO A 188 14.31 10.55 9.61
N VAL A 189 13.18 10.56 10.31
CA VAL A 189 12.06 9.69 9.96
C VAL A 189 10.82 10.54 9.78
N ILE A 190 10.10 10.33 8.67
CA ILE A 190 8.87 11.07 8.42
C ILE A 190 7.82 10.37 9.27
N PRO A 191 7.06 11.12 10.10
CA PRO A 191 6.03 10.54 10.96
C PRO A 191 5.09 9.56 10.23
N PRO A 192 5.13 8.27 10.64
CA PRO A 192 4.31 7.22 10.04
C PRO A 192 2.81 7.34 10.34
N ARG A 193 2.01 6.96 9.35
CA ARG A 193 0.55 7.01 9.43
C ARG A 193 0.00 5.84 8.63
N ALA A 194 -1.11 5.26 9.09
CA ALA A 194 -1.72 4.15 8.37
C ALA A 194 -2.31 4.64 7.05
N SER A 195 -2.12 3.87 5.98
CA SER A 195 -2.64 4.24 4.66
C SER A 195 -3.25 3.03 3.95
N LEU A 196 -3.91 3.28 2.81
CA LEU A 196 -4.60 2.22 2.05
C LEU A 196 -5.49 1.55 3.10
N VAL A 197 -6.20 2.39 3.84
CA VAL A 197 -7.06 1.99 4.94
C VAL A 197 -8.46 2.65 4.82
N PRO A 198 -9.48 2.06 5.45
CA PRO A 198 -10.85 2.60 5.41
C PRO A 198 -11.06 3.84 6.29
N PHE A 199 -12.12 4.59 6.01
CA PHE A 199 -12.44 5.78 6.79
C PHE A 199 -13.49 5.43 7.81
N THR A 200 -13.53 6.18 8.91
CA THR A 200 -14.53 5.94 9.95
C THR A 200 -15.49 7.10 9.97
N TYR A 201 -16.75 6.81 10.25
CA TYR A 201 -17.83 7.81 10.28
C TYR A 201 -17.83 8.74 11.47
N ARG A 202 -18.23 9.98 11.23
CA ARG A 202 -18.40 10.95 12.31
C ARG A 202 -19.82 10.64 12.77
N GLU A 203 -20.27 11.25 13.87
CA GLU A 203 -21.59 10.98 14.40
C GLU A 203 -22.73 11.24 13.40
N THR A 204 -22.61 12.34 12.68
CA THR A 204 -23.62 12.73 11.71
C THR A 204 -23.87 11.77 10.54
N ASP A 205 -22.87 10.94 10.21
CA ASP A 205 -23.03 9.98 9.11
C ASP A 205 -23.24 8.54 9.59
N LYS A 206 -23.34 8.34 10.89
CA LYS A 206 -23.51 7.00 11.42
C LYS A 206 -24.72 6.24 10.87
N PHE A 207 -25.76 6.96 10.44
CA PHE A 207 -26.95 6.30 9.90
C PHE A 207 -26.63 5.49 8.63
N LEU A 208 -25.58 5.88 7.92
CA LEU A 208 -25.17 5.18 6.71
C LEU A 208 -24.68 3.77 7.03
N THR A 209 -24.58 3.47 8.32
CA THR A 209 -24.14 2.17 8.77
C THR A 209 -25.12 1.08 8.31
N ALA A 210 -26.38 1.48 8.12
CA ALA A 210 -27.43 0.56 7.68
C ALA A 210 -27.17 0.02 6.27
N LEU A 211 -26.36 0.74 5.50
CA LEU A 211 -26.02 0.36 4.14
C LEU A 211 -24.89 -0.66 4.10
N SER A 212 -24.40 -1.03 5.27
CA SER A 212 -23.30 -1.99 5.36
C SER A 212 -23.42 -3.14 4.35
N GLY A 213 -22.36 -3.40 3.60
CA GLY A 213 -22.39 -4.48 2.63
C GLY A 213 -22.65 -4.03 1.20
N ILE A 214 -23.35 -2.91 1.05
CA ILE A 214 -23.66 -2.39 -0.28
C ILE A 214 -22.39 -1.87 -0.96
N SER A 215 -22.33 -2.01 -2.27
CA SER A 215 -21.16 -1.59 -3.02
C SER A 215 -21.54 -0.96 -4.37
N LEU A 216 -20.82 0.08 -4.76
CA LEU A 216 -21.05 0.73 -6.05
C LEU A 216 -19.83 1.48 -6.57
N PRO A 217 -19.77 1.76 -7.88
CA PRO A 217 -18.63 2.48 -8.42
C PRO A 217 -18.82 3.99 -8.28
N VAL A 218 -17.78 4.67 -7.81
CA VAL A 218 -17.81 6.11 -7.61
C VAL A 218 -16.46 6.69 -7.99
N THR A 219 -16.33 8.00 -7.83
CA THR A 219 -15.06 8.66 -8.07
C THR A 219 -14.85 9.43 -6.78
N ILE A 220 -13.67 9.27 -6.18
CA ILE A 220 -13.31 9.96 -4.96
C ILE A 220 -12.24 10.98 -5.32
N THR A 221 -12.39 12.21 -4.87
CA THR A 221 -11.40 13.24 -5.16
C THR A 221 -10.90 13.84 -3.85
N ALA A 222 -9.59 13.81 -3.65
CA ALA A 222 -8.99 14.37 -2.44
C ALA A 222 -8.79 15.87 -2.59
N LEU A 223 -8.63 16.56 -1.46
CA LEU A 223 -8.44 18.00 -1.46
C LEU A 223 -7.28 18.49 -2.34
N CYS A 224 -6.27 17.65 -2.54
CA CYS A 224 -5.13 18.04 -3.36
C CYS A 224 -5.40 17.88 -4.85
N GLY A 225 -6.58 17.36 -5.18
CA GLY A 225 -6.95 17.19 -6.57
C GLY A 225 -6.94 15.78 -7.11
N LYS A 226 -6.26 14.86 -6.43
CA LYS A 226 -6.22 13.48 -6.90
C LYS A 226 -7.60 12.83 -6.93
N SER A 227 -7.84 12.05 -7.98
CA SER A 227 -9.10 11.35 -8.15
C SER A 227 -8.85 9.89 -8.46
N PHE A 228 -9.80 9.07 -8.08
CA PHE A 228 -9.74 7.65 -8.34
C PHE A 228 -11.13 7.19 -8.68
N TYR A 229 -11.24 6.34 -9.69
CA TYR A 229 -12.52 5.81 -10.07
C TYR A 229 -12.50 4.33 -9.76
N ASN A 230 -13.35 3.90 -8.84
CA ASN A 230 -13.40 2.50 -8.47
C ASN A 230 -14.55 2.23 -7.53
N GLN A 231 -14.62 1.01 -7.03
CA GLN A 231 -15.68 0.60 -6.13
C GLN A 231 -15.53 1.16 -4.72
N LEU A 232 -16.65 1.53 -4.13
CA LEU A 232 -16.71 2.05 -2.76
C LEU A 232 -17.64 1.12 -2.00
N LEU A 233 -17.24 0.73 -0.79
CA LEU A 233 -18.04 -0.18 0.01
C LEU A 233 -18.50 0.41 1.33
N PHE A 234 -19.79 0.33 1.62
CA PHE A 234 -20.31 0.84 2.89
C PHE A 234 -20.03 -0.20 3.96
N THR A 235 -19.58 0.27 5.12
CA THR A 235 -19.22 -0.61 6.23
C THR A 235 -20.03 -0.27 7.49
N HIS A 236 -19.76 -1.01 8.56
CA HIS A 236 -20.41 -0.78 9.84
C HIS A 236 -19.68 0.38 10.51
N ARG A 237 -18.38 0.49 10.18
CA ARG A 237 -17.51 1.52 10.75
C ARG A 237 -17.45 2.79 9.92
N GLY A 238 -17.66 2.67 8.62
CA GLY A 238 -17.60 3.83 7.73
C GLY A 238 -17.65 3.43 6.27
N ILE A 239 -16.69 3.90 5.48
CA ILE A 239 -16.65 3.54 4.06
C ILE A 239 -15.30 2.94 3.71
N SER A 240 -15.33 1.91 2.87
CA SER A 240 -14.12 1.22 2.48
C SER A 240 -14.15 0.98 0.97
N GLY A 241 -13.41 -0.04 0.52
CA GLY A 241 -13.39 -0.36 -0.90
C GLY A 241 -12.14 0.17 -1.57
N PRO A 242 -11.86 -0.22 -2.82
CA PRO A 242 -10.68 0.22 -3.58
C PRO A 242 -10.54 1.75 -3.74
N ALA A 243 -11.66 2.41 -4.03
CA ALA A 243 -11.65 3.86 -4.22
C ALA A 243 -11.22 4.56 -2.92
N VAL A 244 -11.79 4.14 -1.80
CA VAL A 244 -11.46 4.71 -0.51
C VAL A 244 -10.02 4.41 -0.10
N LEU A 245 -9.59 3.16 -0.24
CA LEU A 245 -8.24 2.79 0.11
C LEU A 245 -7.24 3.61 -0.70
N GLN A 246 -7.51 3.78 -1.99
CA GLN A 246 -6.63 4.56 -2.85
C GLN A 246 -6.53 6.02 -2.41
N ILE A 247 -7.69 6.65 -2.16
CA ILE A 247 -7.71 8.05 -1.78
C ILE A 247 -7.15 8.34 -0.38
N SER A 248 -7.05 7.32 0.47
CA SER A 248 -6.51 7.54 1.82
C SER A 248 -5.03 7.89 1.78
N ASN A 249 -4.38 7.65 0.64
CA ASN A 249 -2.96 7.98 0.45
C ASN A 249 -2.84 9.48 0.26
N TYR A 250 -3.81 10.07 -0.43
CA TYR A 250 -3.80 11.51 -0.71
C TYR A 250 -4.60 12.37 0.26
N TRP A 251 -5.38 11.73 1.12
CA TRP A 251 -6.18 12.43 2.11
C TRP A 251 -5.32 12.72 3.35
N GLN A 252 -5.63 13.80 4.06
CA GLN A 252 -4.87 14.20 5.25
C GLN A 252 -5.83 14.40 6.43
N PRO A 253 -5.39 14.07 7.66
CA PRO A 253 -6.27 14.26 8.81
C PRO A 253 -6.91 15.63 8.77
N THR A 254 -8.20 15.68 9.13
CA THR A 254 -8.96 16.93 9.14
C THR A 254 -9.55 17.24 7.76
N GLU A 255 -9.08 16.57 6.74
CA GLU A 255 -9.56 16.83 5.40
C GLU A 255 -10.88 16.17 5.05
N SER A 256 -11.45 16.67 3.97
CA SER A 256 -12.71 16.20 3.45
C SER A 256 -12.43 15.55 2.09
N VAL A 257 -13.35 14.71 1.65
CA VAL A 257 -13.22 13.99 0.40
C VAL A 257 -14.46 14.25 -0.45
N GLU A 258 -14.26 14.41 -1.76
CA GLU A 258 -15.35 14.67 -2.70
C GLU A 258 -15.78 13.35 -3.35
N ILE A 259 -16.99 12.89 -3.03
CA ILE A 259 -17.45 11.63 -3.59
C ILE A 259 -18.61 11.76 -4.58
N ASP A 260 -18.38 11.32 -5.81
CA ASP A 260 -19.38 11.35 -6.86
C ASP A 260 -20.02 9.96 -7.00
N LEU A 261 -21.25 9.84 -6.52
CA LEU A 261 -21.99 8.58 -6.53
C LEU A 261 -22.43 8.06 -7.89
N LEU A 262 -22.54 8.95 -8.87
CA LEU A 262 -22.94 8.58 -10.22
C LEU A 262 -21.96 9.15 -11.21
N PRO A 263 -20.70 8.72 -11.14
CA PRO A 263 -19.65 9.19 -12.05
C PRO A 263 -19.98 8.91 -13.51
N ASN A 264 -20.58 7.75 -13.71
CA ASN A 264 -20.98 7.25 -15.02
C ASN A 264 -21.92 8.17 -15.78
N HIS A 265 -23.18 8.16 -15.37
CA HIS A 265 -24.24 8.93 -15.99
C HIS A 265 -24.28 10.44 -15.74
N ASN A 266 -25.18 11.10 -16.44
CA ASN A 266 -25.40 12.54 -16.31
C ASN A 266 -26.87 12.66 -15.90
N VAL A 267 -27.09 12.49 -14.61
CA VAL A 267 -28.40 12.52 -13.98
C VAL A 267 -29.42 13.49 -14.56
N GLU A 268 -29.08 14.77 -14.66
CA GLU A 268 -30.04 15.73 -15.20
C GLU A 268 -30.53 15.28 -16.57
N GLU A 269 -29.60 14.94 -17.45
CA GLU A 269 -29.95 14.48 -18.79
C GLU A 269 -30.99 13.37 -18.68
N GLU A 270 -30.71 12.41 -17.81
CA GLU A 270 -31.61 11.27 -17.61
C GLU A 270 -32.93 11.66 -16.95
N ILE A 271 -32.85 12.39 -15.84
CA ILE A 271 -34.05 12.81 -15.13
C ILE A 271 -34.96 13.53 -16.12
N ASN A 272 -34.37 14.19 -17.11
CA ASN A 272 -35.16 14.89 -18.11
C ASN A 272 -35.76 13.93 -19.13
N GLN A 273 -34.99 12.91 -19.52
CA GLN A 273 -35.47 11.92 -20.48
C GLN A 273 -36.69 11.21 -19.87
N ALA A 274 -36.66 11.04 -18.56
CA ALA A 274 -37.75 10.39 -17.83
C ALA A 274 -38.87 11.36 -17.57
N LYS A 275 -38.56 12.65 -17.66
CA LYS A 275 -39.55 13.69 -17.43
C LYS A 275 -40.46 13.77 -18.64
N GLN A 276 -39.96 13.28 -19.78
CA GLN A 276 -40.73 13.28 -21.01
C GLN A 276 -41.24 11.87 -21.29
N SER A 277 -40.39 10.88 -21.07
CA SER A 277 -40.75 9.49 -21.30
C SER A 277 -41.55 8.84 -20.18
N SER A 278 -41.60 9.47 -19.01
CA SER A 278 -42.33 8.91 -17.87
C SER A 278 -42.76 9.99 -16.88
N PRO A 279 -43.55 10.98 -17.32
CA PRO A 279 -44.02 12.07 -16.46
C PRO A 279 -44.85 11.59 -15.26
N LYS A 280 -45.21 10.32 -15.29
CA LYS A 280 -46.03 9.70 -14.27
C LYS A 280 -45.22 9.10 -13.11
N GLN A 281 -44.13 8.43 -13.48
CA GLN A 281 -43.24 7.74 -12.54
C GLN A 281 -42.73 8.53 -11.34
N LEU A 283 -39.78 9.53 -8.38
CA LEU A 283 -38.35 9.83 -8.40
C LEU A 283 -37.61 8.59 -7.96
N LYS A 284 -38.16 7.92 -6.97
CA LYS A 284 -37.57 6.71 -6.42
C LYS A 284 -37.33 5.62 -7.45
N THR A 285 -38.23 5.51 -8.42
CA THR A 285 -38.11 4.47 -9.45
C THR A 285 -37.02 4.77 -10.46
N ILE A 286 -36.85 6.04 -10.81
CA ILE A 286 -35.81 6.44 -11.76
C ILE A 286 -34.45 6.36 -11.09
N LEU A 287 -34.40 6.68 -9.81
CA LEU A 287 -33.16 6.65 -9.04
C LEU A 287 -32.64 5.24 -8.78
N VAL A 288 -33.53 4.34 -8.37
CA VAL A 288 -33.12 2.97 -8.07
C VAL A 288 -32.60 2.24 -9.30
N ARG A 289 -32.90 2.80 -10.47
CA ARG A 289 -32.45 2.23 -11.72
C ARG A 289 -31.02 2.70 -12.00
N LEU A 290 -30.51 3.57 -11.13
CA LEU A 290 -29.16 4.11 -11.27
C LEU A 290 -28.26 3.77 -10.06
N LEU A 291 -28.85 3.78 -8.87
CA LEU A 291 -28.14 3.50 -7.64
C LEU A 291 -28.71 2.28 -6.92
N PRO A 292 -28.06 1.84 -5.84
CA PRO A 292 -28.56 0.67 -5.10
C PRO A 292 -29.89 1.04 -4.45
N LYS A 293 -30.87 0.15 -4.55
CA LYS A 293 -32.20 0.40 -4.01
C LYS A 293 -32.18 0.83 -2.54
N LYS A 294 -31.38 0.16 -1.72
CA LYS A 294 -31.34 0.48 -0.30
C LYS A 294 -30.76 1.86 0.03
N LEU A 295 -29.90 2.39 -0.85
CA LEU A 295 -29.33 3.71 -0.61
C LEU A 295 -30.40 4.75 -0.88
N VAL A 296 -31.07 4.61 -2.02
CA VAL A 296 -32.13 5.53 -2.41
C VAL A 296 -33.22 5.52 -1.34
N GLU A 297 -33.57 4.33 -0.86
CA GLU A 297 -34.58 4.20 0.17
C GLU A 297 -34.15 4.88 1.46
N LEU A 298 -32.87 4.77 1.80
CA LEU A 298 -32.35 5.37 3.02
C LEU A 298 -32.43 6.90 2.94
N TRP A 299 -32.10 7.46 1.79
CA TRP A 299 -32.18 8.91 1.66
C TRP A 299 -33.62 9.33 1.91
N ILE A 300 -34.56 8.51 1.43
CA ILE A 300 -35.98 8.80 1.59
C ILE A 300 -36.42 8.59 3.05
N GLU A 301 -36.07 7.44 3.62
CA GLU A 301 -36.42 7.12 5.00
C GLU A 301 -35.75 8.09 5.97
N GLN A 302 -34.89 8.95 5.44
CA GLN A 302 -34.17 9.93 6.25
C GLN A 302 -34.66 11.33 5.87
N GLY A 303 -35.60 11.39 4.94
CA GLY A 303 -36.11 12.68 4.51
C GLY A 303 -35.08 13.53 3.80
N ILE A 304 -34.02 12.90 3.31
CA ILE A 304 -32.96 13.61 2.60
C ILE A 304 -33.38 13.84 1.16
N VAL A 305 -34.22 12.94 0.66
CA VAL A 305 -34.71 13.02 -0.71
C VAL A 305 -36.22 12.81 -0.75
N GLN A 306 -36.94 13.82 -1.23
CA GLN A 306 -38.40 13.75 -1.33
C GLN A 306 -38.78 12.88 -2.52
N ASP A 307 -39.78 12.02 -2.33
CA ASP A 307 -40.22 11.14 -3.40
C ASP A 307 -41.50 11.67 -4.04
N GLU A 308 -41.37 12.33 -5.17
CA GLU A 308 -42.53 12.89 -5.87
C GLU A 308 -42.53 12.46 -7.33
N VAL A 309 -43.62 12.72 -8.01
CA VAL A 309 -43.74 12.38 -9.43
C VAL A 309 -42.73 13.22 -10.20
N ILE A 310 -42.08 12.60 -11.19
CA ILE A 310 -41.08 13.28 -12.01
C ILE A 310 -41.56 14.62 -12.53
N ALA A 311 -42.84 14.71 -12.83
CA ALA A 311 -43.42 15.94 -13.34
C ALA A 311 -43.42 17.06 -12.30
N ASN A 312 -43.72 16.71 -11.06
CA ASN A 312 -43.77 17.71 -9.99
C ASN A 312 -42.41 18.02 -9.39
N ILE A 313 -41.39 18.14 -10.23
CA ILE A 313 -40.05 18.45 -9.76
C ILE A 313 -39.50 19.67 -10.52
N SER A 314 -39.35 20.78 -9.81
CA SER A 314 -38.85 22.01 -10.40
C SER A 314 -37.42 21.88 -10.90
N LYS A 315 -37.12 22.55 -12.02
CA LYS A 315 -35.79 22.52 -12.60
C LYS A 315 -34.70 22.86 -11.59
N VAL A 316 -35.07 23.55 -10.52
CA VAL A 316 -34.10 23.91 -9.51
C VAL A 316 -33.85 22.73 -8.58
N ARG A 317 -34.90 21.98 -8.26
CA ARG A 317 -34.76 20.82 -7.38
C ARG A 317 -34.07 19.68 -8.14
N VAL A 318 -34.16 19.70 -9.46
CA VAL A 318 -33.50 18.69 -10.28
C VAL A 318 -32.01 18.99 -10.25
N LYS A 319 -31.65 20.27 -10.29
CA LYS A 319 -30.25 20.66 -10.25
C LYS A 319 -29.64 20.54 -8.86
N ASN A 320 -30.46 20.50 -7.82
CA ASN A 320 -29.93 20.34 -6.47
C ASN A 320 -29.71 18.86 -6.22
N LEU A 321 -30.52 18.02 -6.86
CA LEU A 321 -30.39 16.58 -6.70
C LEU A 321 -29.11 16.15 -7.43
N VAL A 322 -28.95 16.66 -8.65
CA VAL A 322 -27.78 16.37 -9.47
C VAL A 322 -26.51 16.70 -8.71
N ASP A 323 -26.45 17.91 -8.15
CA ASP A 323 -25.27 18.32 -7.40
C ASP A 323 -25.13 17.50 -6.11
N PHE A 324 -26.25 17.03 -5.58
CA PHE A 324 -26.25 16.23 -4.36
C PHE A 324 -25.64 14.85 -4.56
N ILE A 325 -25.89 14.26 -5.73
CA ILE A 325 -25.39 12.94 -6.03
C ILE A 325 -23.97 12.94 -6.59
N HIS A 326 -23.63 14.00 -7.32
CA HIS A 326 -22.29 14.11 -7.89
C HIS A 326 -21.29 14.80 -6.97
N HIS A 327 -21.77 15.45 -5.93
CA HIS A 327 -20.87 16.15 -5.03
C HIS A 327 -21.07 15.90 -3.54
N TRP A 328 -20.97 14.64 -3.14
CA TRP A 328 -21.11 14.31 -1.73
C TRP A 328 -19.81 14.67 -1.03
N GLU A 329 -19.86 15.71 -0.20
CA GLU A 329 -18.70 16.17 0.56
C GLU A 329 -18.62 15.35 1.83
N PHE A 330 -17.73 14.37 1.83
CA PHE A 330 -17.58 13.48 2.96
C PHE A 330 -16.40 13.82 3.84
N THR A 331 -16.66 13.99 5.14
CA THR A 331 -15.60 14.29 6.08
C THR A 331 -15.52 13.15 7.09
N PRO A 332 -14.55 12.24 6.93
CA PRO A 332 -14.43 11.12 7.87
C PRO A 332 -13.93 11.59 9.24
N ASN A 333 -14.33 10.90 10.28
CA ASN A 333 -13.86 11.30 11.60
C ASN A 333 -12.37 11.00 11.60
N GLY A 334 -12.02 9.89 10.95
CA GLY A 334 -10.64 9.49 10.87
C GLY A 334 -10.49 8.25 10.02
N THR A 335 -9.43 7.51 10.31
CA THR A 335 -9.06 6.29 9.62
C THR A 335 -9.10 5.08 10.56
N GLU A 336 -9.25 3.88 10.01
CA GLU A 336 -9.23 2.70 10.86
C GLU A 336 -7.75 2.49 11.20
N GLY A 337 -7.45 1.56 12.11
CA GLY A 337 -6.07 1.37 12.50
C GLY A 337 -5.08 0.60 11.63
N TYR A 338 -3.93 0.27 12.22
CA TYR A 338 -2.91 -0.48 11.53
C TYR A 338 -3.29 -1.95 11.40
N ARG A 339 -4.39 -2.34 12.03
CA ARG A 339 -4.84 -3.72 11.94
C ARG A 339 -5.66 -3.95 10.67
N THR A 340 -6.01 -2.87 10.00
CA THR A 340 -6.78 -2.92 8.77
C THR A 340 -5.99 -2.29 7.63
N ALA A 341 -5.16 -1.31 7.97
CA ALA A 341 -4.34 -0.60 6.99
C ALA A 341 -3.46 -1.58 6.23
N GLU A 342 -3.33 -1.35 4.94
CA GLU A 342 -2.53 -2.23 4.10
C GLU A 342 -1.05 -1.85 4.16
N VAL A 343 -0.78 -0.56 4.31
CA VAL A 343 0.60 -0.08 4.39
C VAL A 343 0.73 1.03 5.40
N THR A 344 1.93 1.60 5.45
CA THR A 344 2.22 2.69 6.37
C THR A 344 2.86 3.80 5.56
N GLY A 346 4.94 7.32 5.22
CA GLY A 346 6.03 7.87 6.01
C GLY A 346 7.12 6.84 6.16
N GLY A 347 8.08 7.14 7.03
CA GLY A 347 9.19 6.24 7.27
C GLY A 347 10.50 6.99 7.14
N VAL A 348 11.59 6.27 6.97
CA VAL A 348 12.89 6.90 6.85
C VAL A 348 12.93 7.91 5.70
N ASP A 349 13.39 9.12 6.02
CA ASP A 349 13.48 10.21 5.05
C ASP A 349 14.37 9.77 3.89
N THR A 350 13.82 9.77 2.68
CA THR A 350 14.56 9.32 1.50
C THR A 350 15.62 10.30 0.98
N LYS A 351 15.64 11.53 1.48
CA LYS A 351 16.64 12.48 1.01
C LYS A 351 18.01 12.19 1.61
N VAL A 352 18.04 11.52 2.75
CA VAL A 352 19.30 11.17 3.39
C VAL A 352 19.73 9.76 2.96
N ILE A 353 18.93 9.13 2.09
CA ILE A 353 19.23 7.78 1.58
C ILE A 353 19.62 7.90 0.11
N SER A 354 20.46 6.99 -0.37
CA SER A 354 20.89 7.02 -1.76
C SER A 354 19.84 6.46 -2.74
N SER A 355 19.51 7.30 -3.72
CA SER A 355 18.55 7.02 -4.77
C SER A 355 18.97 5.83 -5.63
N LYS A 356 20.28 5.71 -5.81
CA LYS A 356 20.90 4.66 -6.61
C LYS A 356 21.27 3.42 -5.81
N THR A 357 21.66 3.63 -4.56
CA THR A 357 22.13 2.55 -3.71
C THR A 357 21.26 2.02 -2.56
N GLU A 359 21.73 3.11 0.27
CA GLU A 359 22.65 3.27 1.39
C GLU A 359 22.47 4.60 2.09
N SER A 360 22.62 4.57 3.41
CA SER A 360 22.50 5.77 4.22
C SER A 360 23.64 6.76 3.96
N ASN A 361 23.29 8.02 3.70
CA ASN A 361 24.30 9.04 3.47
C ASN A 361 25.04 9.35 4.76
N GLN A 362 24.33 9.34 5.88
CA GLN A 362 24.92 9.62 7.19
C GLN A 362 25.76 8.46 7.75
N VAL A 363 25.29 7.24 7.55
CA VAL A 363 25.98 6.07 8.07
C VAL A 363 26.30 5.05 6.97
N SER A 364 27.56 5.01 6.56
CA SER A 364 27.98 4.07 5.52
C SER A 364 27.81 2.62 5.98
N GLY A 365 27.46 1.75 5.04
CA GLY A 365 27.29 0.34 5.36
C GLY A 365 25.90 0.02 5.86
N LEU A 366 25.08 1.06 6.02
CA LEU A 366 23.71 0.91 6.48
C LEU A 366 22.74 1.18 5.32
N TYR A 367 21.90 0.19 5.03
CA TYR A 367 20.96 0.31 3.94
C TYR A 367 19.54 0.16 4.43
N PHE A 368 18.63 0.80 3.72
CA PHE A 368 17.21 0.74 4.01
C PHE A 368 16.50 0.40 2.71
N ILE A 369 15.68 -0.64 2.74
CA ILE A 369 14.93 -1.06 1.57
C ILE A 369 13.50 -1.41 1.98
N GLY A 370 12.59 -1.40 1.02
CA GLY A 370 11.22 -1.75 1.32
C GLY A 370 10.35 -0.65 1.87
N GLU A 371 9.32 -1.06 2.61
CA GLU A 371 8.33 -0.17 3.19
C GLU A 371 8.84 0.75 4.30
N VAL A 372 9.96 0.40 4.91
CA VAL A 372 10.51 1.22 5.99
C VAL A 372 10.86 2.64 5.50
N LEU A 373 11.19 2.76 4.21
CA LEU A 373 11.49 4.06 3.61
C LEU A 373 10.19 4.88 3.42
N ASP A 374 10.31 6.20 3.33
CA ASP A 374 9.14 7.05 3.09
C ASP A 374 8.74 6.95 1.62
N VAL A 375 8.28 5.77 1.23
CA VAL A 375 7.84 5.48 -0.13
C VAL A 375 6.63 4.58 -0.02
N THR A 376 5.48 5.11 -0.39
CA THR A 376 4.23 4.38 -0.32
C THR A 376 3.59 4.39 -1.71
N GLY A 377 3.31 3.20 -2.22
CA GLY A 377 2.72 3.12 -3.54
C GLY A 377 1.23 2.95 -3.52
N TRP A 378 0.62 3.13 -4.68
CA TRP A 378 -0.82 2.96 -4.85
C TRP A 378 -1.20 1.52 -4.60
N LEU A 379 -2.50 1.30 -4.49
CA LEU A 379 -3.06 -0.02 -4.31
C LEU A 379 -2.89 -0.62 -5.70
N GLY A 380 -2.54 -1.91 -5.78
CA GLY A 380 -2.39 -2.52 -7.08
C GLY A 380 -1.08 -3.20 -7.42
N GLY A 381 -0.32 -3.60 -6.40
CA GLY A 381 0.95 -4.27 -6.64
C GLY A 381 2.15 -3.32 -6.67
N TYR A 382 1.91 -2.03 -6.48
CA TYR A 382 2.98 -1.06 -6.51
C TYR A 382 3.91 -1.15 -5.30
N ASN A 383 3.36 -1.52 -4.14
CA ASN A 383 4.18 -1.64 -2.95
C ASN A 383 5.17 -2.79 -3.03
N PHE A 384 4.75 -3.90 -3.63
CA PHE A 384 5.64 -5.04 -3.77
C PHE A 384 6.72 -4.71 -4.79
N GLN A 385 6.35 -4.01 -5.85
CA GLN A 385 7.32 -3.64 -6.88
C GLN A 385 8.43 -2.78 -6.26
N TRP A 386 8.05 -1.82 -5.40
CA TRP A 386 9.07 -1.00 -4.75
C TRP A 386 9.98 -1.88 -3.90
N ALA A 387 9.42 -2.94 -3.33
CA ALA A 387 10.22 -3.84 -2.51
C ALA A 387 11.24 -4.57 -3.37
N TRP A 388 10.84 -5.02 -4.57
CA TRP A 388 11.76 -5.73 -5.47
C TRP A 388 12.85 -4.78 -5.99
N SER A 389 12.45 -3.57 -6.38
CA SER A 389 13.39 -2.59 -6.92
C SER A 389 14.41 -2.10 -5.91
N SER A 390 13.96 -1.71 -4.72
CA SER A 390 14.86 -1.21 -3.71
C SER A 390 15.78 -2.32 -3.22
N ALA A 391 15.28 -3.55 -3.18
CA ALA A 391 16.09 -4.70 -2.74
C ALA A 391 17.18 -5.02 -3.75
N TYR A 392 16.86 -4.83 -5.03
CA TYR A 392 17.81 -5.10 -6.09
C TYR A 392 18.91 -4.03 -6.15
N ALA A 393 18.50 -2.76 -6.13
CA ALA A 393 19.47 -1.66 -6.18
C ALA A 393 20.47 -1.80 -5.04
N CYS A 394 19.98 -2.24 -3.89
CA CYS A 394 20.83 -2.42 -2.71
C CYS A 394 21.80 -3.56 -2.96
N ALA A 395 21.28 -4.73 -3.34
CA ALA A 395 22.12 -5.90 -3.60
C ALA A 395 23.15 -5.63 -4.69
N LEU A 396 22.70 -5.10 -5.82
CA LEU A 396 23.61 -4.81 -6.92
C LEU A 396 24.74 -3.89 -6.46
N SER A 397 24.40 -2.89 -5.65
CA SER A 397 25.39 -1.95 -5.13
C SER A 397 26.45 -2.62 -4.24
N ILE A 398 26.01 -3.48 -3.33
CA ILE A 398 26.91 -4.19 -2.44
C ILE A 398 27.79 -5.21 -3.16
N SER A 399 27.26 -5.83 -4.21
CA SER A 399 28.05 -6.83 -4.93
C SER A 399 29.21 -6.14 -5.64
N ARG A 400 29.06 -4.83 -5.88
CA ARG A 400 30.06 -4.04 -6.55
C ARG A 400 31.17 -3.53 -5.63
N GLN A 401 31.29 -4.08 -4.43
CA GLN A 401 32.34 -3.63 -3.51
C GLN A 401 33.39 -4.71 -3.20
#